data_9JOM
#
_entry.id   9JOM
#
_cell.length_a   83.135
_cell.length_b   83.135
_cell.length_c   100.430
_cell.angle_alpha   90.00
_cell.angle_beta   90.00
_cell.angle_gamma   120.00
#
_symmetry.space_group_name_H-M   'P 32 2 1'
#
loop_
_entity.id
_entity.type
_entity.pdbx_description
1 polymer 'Glycoside-hydrolase family GH114 TIM-barrel domain-containing protein'
2 water water
#
_entity_poly.entity_id   1
_entity_poly.type   'polypeptide(L)'
_entity_poly.pdbx_seq_one_letter_code
;MGSSHHHHHHSSGLVPRGSHMASMTGGQQMGRGSQSKTNKDYYPEFSWKTVPVAFHFAKRNGLMTDKELDFVTSHSNFIV
LEKGHGGDIRTEKGIDNEAQRIKDINPKAKVVFYWNAFLDYNLYDAHKEYENHKEWWLKKLDGNYDYKSAKVKRYDLSNP
AFRKWWVSIAKKAVVDGHADGVFMDAFIQVINKGNIELWGQKKYDAIQQGLKDLIAETRAAIGEDHLIVYNGIRSIPNRN
VGNDFPEHTDAVMIEHFANFQSKSKESMLQDILEMEKAGKTGKIVVFKAWPNEHSWIDKNFMAKPLQEKRKIARANITFP
LAAFLAGAQENSYFIYNWGYRMDDGGLEWYPELDKSLGKPLNEMKVHNWELTRNYEHASVWLNLATKEAKINWK
;
_entity_poly.pdbx_strand_id   A
#
# COMPACT_ATOMS: atom_id res chain seq x y z
N ASP A 41 21.52 -0.09 4.70
CA ASP A 41 20.51 -0.90 5.38
C ASP A 41 19.37 -1.25 4.42
N TYR A 42 18.83 -2.46 4.59
CA TYR A 42 17.82 -3.00 3.68
C TYR A 42 16.44 -2.41 3.98
N TYR A 43 15.91 -2.70 5.16
CA TYR A 43 14.61 -2.19 5.58
C TYR A 43 14.74 -0.75 6.06
N PRO A 44 13.64 0.00 6.06
CA PRO A 44 13.66 1.30 6.73
C PRO A 44 13.87 1.11 8.23
N GLU A 45 14.65 2.01 8.82
CA GLU A 45 14.91 1.95 10.25
C GLU A 45 13.60 1.97 11.03
N PHE A 46 13.34 0.90 11.78
CA PHE A 46 12.10 0.71 12.51
C PHE A 46 12.29 1.00 13.99
N SER A 47 11.25 1.51 14.63
CA SER A 47 11.29 1.82 16.06
C SER A 47 9.89 1.74 16.65
N TRP A 48 9.80 1.18 17.85
CA TRP A 48 8.56 1.15 18.62
C TRP A 48 8.36 2.40 19.48
N LYS A 49 9.29 3.35 19.44
CA LYS A 49 9.23 4.49 20.35
C LYS A 49 7.86 5.16 20.31
N THR A 50 7.34 5.38 19.11
CA THR A 50 5.97 5.81 18.89
C THR A 50 5.33 4.84 17.90
N VAL A 51 4.05 5.06 17.61
CA VAL A 51 3.35 4.21 16.65
C VAL A 51 4.12 4.27 15.34
N PRO A 52 4.62 3.16 14.81
CA PRO A 52 5.31 3.21 13.52
C PRO A 52 4.34 3.56 12.41
N VAL A 53 4.68 4.60 11.64
CA VAL A 53 3.82 5.10 10.58
C VAL A 53 4.60 5.13 9.26
N ALA A 54 3.85 5.04 8.17
CA ALA A 54 4.39 5.17 6.82
C ALA A 54 3.52 6.15 6.05
N PHE A 55 3.98 6.51 4.85
CA PHE A 55 3.21 7.39 3.98
C PHE A 55 3.03 6.73 2.63
N HIS A 56 1.86 6.99 2.02
CA HIS A 56 1.51 6.43 0.72
C HIS A 56 0.61 7.44 0.03
N PHE A 57 1.19 8.25 -0.86
CA PHE A 57 0.42 9.33 -1.46
C PHE A 57 1.09 9.81 -2.74
N ALA A 58 0.36 10.61 -3.49
CA ALA A 58 0.88 11.36 -4.62
C ALA A 58 0.36 12.79 -4.53
N LYS A 59 1.28 13.75 -4.60
CA LYS A 59 0.94 15.16 -4.80
C LYS A 59 0.73 15.34 -6.31
N ARG A 60 -0.53 15.46 -6.72
CA ARG A 60 -0.85 15.43 -8.14
C ARG A 60 -0.53 16.73 -8.87
N ASN A 61 -0.36 17.85 -8.15
CA ASN A 61 -0.16 19.14 -8.79
C ASN A 61 1.30 19.57 -8.85
N GLY A 62 2.20 18.85 -8.21
CA GLY A 62 3.61 19.20 -8.27
C GLY A 62 4.39 18.44 -7.22
N LEU A 63 5.64 18.88 -7.04
CA LEU A 63 6.52 18.27 -6.06
C LEU A 63 6.28 18.89 -4.68
N MET A 64 6.78 18.21 -3.66
CA MET A 64 6.52 18.63 -2.29
C MET A 64 7.31 19.88 -1.93
N THR A 65 6.73 20.67 -1.03
CA THR A 65 7.42 21.84 -0.49
C THR A 65 8.39 21.40 0.61
N ASP A 66 9.33 22.30 0.93
CA ASP A 66 10.24 22.05 2.03
C ASP A 66 9.48 21.69 3.30
N LYS A 67 8.38 22.41 3.54
CA LYS A 67 7.57 22.16 4.73
C LYS A 67 6.92 20.78 4.67
N GLU A 68 6.36 20.41 3.52
CA GLU A 68 5.76 19.09 3.39
C GLU A 68 6.80 18.00 3.55
N LEU A 69 8.00 18.21 3.01
CA LEU A 69 9.08 17.25 3.18
C LEU A 69 9.50 17.14 4.64
N ASP A 70 9.57 18.28 5.34
CA ASP A 70 9.93 18.24 6.75
C ASP A 70 8.95 17.41 7.55
N PHE A 71 7.65 17.64 7.33
CA PHE A 71 6.62 16.88 8.05
C PHE A 71 6.77 15.39 7.79
N VAL A 72 6.91 15.00 6.52
CA VAL A 72 6.92 13.59 6.17
C VAL A 72 8.19 12.93 6.71
N THR A 73 9.36 13.53 6.43
CA THR A 73 10.61 12.94 6.89
C THR A 73 10.74 12.98 8.40
N SER A 74 10.09 13.94 9.07
CA SER A 74 10.13 14.01 10.52
C SER A 74 9.25 12.95 11.19
N HIS A 75 8.35 12.31 10.43
CA HIS A 75 7.40 11.37 11.01
C HIS A 75 7.58 9.93 10.55
N SER A 76 8.34 9.68 9.48
CA SER A 76 8.46 8.32 8.97
C SER A 76 9.72 8.19 8.12
N ASN A 77 10.25 6.96 8.07
CA ASN A 77 11.37 6.61 7.22
C ASN A 77 10.94 5.83 5.99
N PHE A 78 9.64 5.69 5.76
CA PHE A 78 9.10 4.76 4.77
C PHE A 78 7.99 5.46 4.01
N ILE A 79 8.25 5.79 2.75
CA ILE A 79 7.31 6.56 1.92
C ILE A 79 7.11 5.84 0.60
N VAL A 80 5.85 5.57 0.25
CA VAL A 80 5.47 5.06 -1.06
C VAL A 80 4.85 6.23 -1.83
N LEU A 81 5.47 6.60 -2.95
CA LEU A 81 4.94 7.67 -3.79
C LEU A 81 4.09 7.05 -4.90
N GLU A 82 2.89 7.57 -5.08
CA GLU A 82 1.89 6.98 -5.94
C GLU A 82 1.99 7.50 -7.37
N LYS A 83 1.32 6.81 -8.28
CA LYS A 83 1.15 7.30 -9.63
C LYS A 83 0.69 8.75 -9.61
N GLY A 84 1.27 9.56 -10.48
CA GLY A 84 0.90 10.95 -10.61
C GLY A 84 1.65 11.91 -9.72
N HIS A 85 2.55 11.43 -8.87
CA HIS A 85 3.28 12.33 -8.00
C HIS A 85 4.19 13.24 -8.83
N GLY A 86 4.26 14.51 -8.42
CA GLY A 86 5.15 15.48 -9.04
C GLY A 86 4.52 16.35 -10.10
N GLY A 87 3.26 16.11 -10.47
CA GLY A 87 2.59 16.95 -11.42
C GLY A 87 2.88 16.61 -12.86
N ASP A 88 2.95 17.63 -13.73
CA ASP A 88 2.98 17.42 -15.16
C ASP A 88 4.32 16.95 -15.69
N ILE A 89 5.35 16.84 -14.85
CA ILE A 89 6.57 16.16 -15.26
C ILE A 89 6.39 14.65 -15.31
N ARG A 90 5.25 14.16 -14.84
CA ARG A 90 4.89 12.74 -14.86
C ARG A 90 5.65 11.95 -13.81
N THR A 91 5.24 10.71 -13.59
CA THR A 91 5.56 10.03 -12.33
C THR A 91 7.03 9.70 -12.20
N GLU A 92 7.66 9.26 -13.29
CA GLU A 92 9.06 8.83 -13.20
C GLU A 92 9.95 9.96 -12.70
N LYS A 93 9.89 11.12 -13.36
CA LYS A 93 10.68 12.26 -12.92
C LYS A 93 10.19 12.78 -11.57
N GLY A 94 8.88 12.73 -11.34
CA GLY A 94 8.35 13.20 -10.07
C GLY A 94 8.88 12.41 -8.89
N ILE A 95 8.82 11.07 -8.99
CA ILE A 95 9.28 10.23 -7.89
C ILE A 95 10.80 10.29 -7.77
N ASP A 96 11.50 10.35 -8.90
CA ASP A 96 12.96 10.43 -8.86
C ASP A 96 13.41 11.72 -8.18
N ASN A 97 12.81 12.85 -8.56
CA ASN A 97 13.18 14.12 -7.95
C ASN A 97 12.79 14.17 -6.47
N GLU A 98 11.62 13.62 -6.13
CA GLU A 98 11.19 13.64 -4.73
C GLU A 98 12.04 12.70 -3.88
N ALA A 99 12.47 11.58 -4.44
CA ALA A 99 13.35 10.68 -3.69
C ALA A 99 14.62 11.41 -3.27
N GLN A 100 15.27 12.10 -4.21
CA GLN A 100 16.42 12.92 -3.87
C GLN A 100 16.11 13.88 -2.73
N ARG A 101 15.02 14.64 -2.89
CA ARG A 101 14.67 15.67 -1.90
C ARG A 101 14.40 15.04 -0.55
N ILE A 102 13.71 13.89 -0.52
CA ILE A 102 13.42 13.23 0.74
C ILE A 102 14.72 12.82 1.43
N LYS A 103 15.60 12.14 0.70
CA LYS A 103 16.82 11.61 1.30
C LYS A 103 17.87 12.68 1.52
N ASP A 104 17.74 13.84 0.86
CA ASP A 104 18.56 14.99 1.22
C ASP A 104 18.31 15.41 2.66
N ILE A 105 17.05 15.29 3.12
CA ILE A 105 16.70 15.63 4.48
C ILE A 105 16.96 14.46 5.42
N ASN A 106 16.68 13.24 4.96
CA ASN A 106 16.70 12.05 5.81
C ASN A 106 17.34 10.93 5.01
N PRO A 107 18.67 10.80 5.06
CA PRO A 107 19.34 9.79 4.21
C PRO A 107 18.95 8.37 4.55
N LYS A 108 18.26 8.14 5.67
CA LYS A 108 17.81 6.81 6.05
C LYS A 108 16.44 6.46 5.49
N ALA A 109 15.73 7.42 4.89
CA ALA A 109 14.40 7.15 4.38
C ALA A 109 14.44 6.17 3.22
N LYS A 110 13.39 5.38 3.10
CA LYS A 110 13.19 4.48 1.96
C LYS A 110 12.01 4.99 1.15
N VAL A 111 12.28 5.35 -0.10
CA VAL A 111 11.27 5.92 -0.99
C VAL A 111 11.00 4.90 -2.10
N VAL A 112 9.73 4.53 -2.24
CA VAL A 112 9.32 3.42 -3.11
C VAL A 112 8.59 3.98 -4.32
N PHE A 113 8.89 3.41 -5.48
CA PHE A 113 8.35 3.85 -6.76
C PHE A 113 7.12 3.02 -7.10
N TYR A 114 5.96 3.67 -7.19
CA TYR A 114 4.72 2.97 -7.53
C TYR A 114 4.73 2.59 -9.01
N TRP A 115 4.39 1.33 -9.29
CA TRP A 115 4.36 0.82 -10.67
C TRP A 115 3.32 -0.29 -10.73
N ASN A 116 2.14 0.05 -11.25
CA ASN A 116 1.04 -0.90 -11.29
C ASN A 116 1.38 -2.10 -12.17
N ALA A 117 1.18 -3.30 -11.61
CA ALA A 117 1.51 -4.53 -12.31
C ALA A 117 0.44 -4.97 -13.31
N PHE A 118 -0.66 -4.23 -13.43
CA PHE A 118 -1.81 -4.67 -14.21
C PHE A 118 -2.47 -3.58 -15.03
N LEU A 119 -2.32 -2.31 -14.69
CA LEU A 119 -3.09 -1.23 -15.30
C LEU A 119 -2.17 -0.18 -15.91
N ASP A 120 -2.53 0.27 -17.10
CA ASP A 120 -1.73 1.23 -17.88
C ASP A 120 -2.34 2.61 -17.70
N TYR A 121 -1.74 3.42 -16.83
CA TYR A 121 -2.22 4.76 -16.52
C TYR A 121 -1.46 5.80 -17.33
N ASN A 122 -2.18 6.82 -17.80
CA ASN A 122 -1.56 7.95 -18.50
C ASN A 122 -1.02 8.96 -17.51
N LEU A 123 -0.06 8.49 -16.71
CA LEU A 123 0.61 9.32 -15.71
C LEU A 123 2.12 9.13 -15.74
N TYR A 124 2.62 8.37 -16.70
CA TYR A 124 4.03 8.03 -16.82
C TYR A 124 4.51 8.34 -18.22
N ASP A 125 5.79 8.69 -18.35
CA ASP A 125 6.42 8.67 -19.66
C ASP A 125 6.30 7.28 -20.29
N ALA A 126 6.30 6.25 -19.44
CA ALA A 126 6.20 4.88 -19.94
C ALA A 126 4.91 4.64 -20.71
N HIS A 127 3.85 5.37 -20.37
CA HIS A 127 2.57 5.18 -21.06
C HIS A 127 2.73 5.38 -22.55
N LYS A 128 3.45 6.42 -22.96
CA LYS A 128 3.66 6.66 -24.39
C LYS A 128 4.33 5.48 -25.04
N GLU A 129 5.29 4.85 -24.35
CA GLU A 129 5.91 3.66 -24.92
C GLU A 129 4.88 2.53 -25.03
N TYR A 130 4.10 2.29 -23.98
CA TYR A 130 3.13 1.20 -24.04
C TYR A 130 2.12 1.40 -25.18
N GLU A 131 1.64 2.64 -25.35
CA GLU A 131 0.73 2.93 -26.45
C GLU A 131 1.32 2.56 -27.79
N ASN A 132 2.65 2.59 -27.91
CA ASN A 132 3.36 2.32 -29.16
C ASN A 132 3.62 0.84 -29.39
N HIS A 133 3.04 -0.04 -28.58
CA HIS A 133 3.33 -1.47 -28.65
C HIS A 133 2.02 -2.27 -28.56
N LYS A 134 1.15 -2.08 -29.55
CA LYS A 134 -0.08 -2.86 -29.63
C LYS A 134 0.19 -4.35 -29.51
N GLU A 135 1.33 -4.80 -30.04
CA GLU A 135 1.63 -6.23 -30.06
C GLU A 135 1.57 -6.87 -28.68
N TRP A 136 1.63 -6.07 -27.60
CA TRP A 136 1.54 -6.59 -26.25
C TRP A 136 0.14 -6.54 -25.67
N TRP A 137 -0.74 -5.71 -26.21
CA TRP A 137 -1.98 -5.38 -25.53
C TRP A 137 -2.81 -6.64 -25.26
N LEU A 138 -3.41 -6.68 -24.07
CA LEU A 138 -4.24 -7.81 -23.69
C LEU A 138 -5.53 -7.82 -24.49
N LYS A 139 -5.85 -8.97 -25.08
CA LYS A 139 -7.08 -9.17 -25.82
C LYS A 139 -8.00 -10.10 -25.05
N LYS A 140 -9.30 -9.83 -25.09
CA LYS A 140 -10.29 -10.67 -24.46
C LYS A 140 -10.71 -11.79 -25.40
N LEU A 141 -11.50 -12.73 -24.86
CA LEU A 141 -12.00 -13.84 -25.67
C LEU A 141 -12.62 -13.35 -26.97
N ASP A 142 -13.42 -12.28 -26.89
CA ASP A 142 -14.11 -11.73 -28.05
C ASP A 142 -13.21 -10.94 -28.99
N GLY A 143 -11.89 -10.98 -28.84
CA GLY A 143 -10.99 -10.30 -29.76
C GLY A 143 -10.77 -8.84 -29.51
N ASN A 144 -11.57 -8.20 -28.65
CA ASN A 144 -11.41 -6.80 -28.35
C ASN A 144 -10.37 -6.61 -27.24
N TYR A 145 -9.71 -5.46 -27.25
CA TYR A 145 -8.67 -5.18 -26.27
C TYR A 145 -9.29 -5.03 -24.89
N ASP A 146 -8.61 -5.57 -23.88
CA ASP A 146 -9.10 -5.56 -22.51
C ASP A 146 -8.85 -4.19 -21.88
N TYR A 147 -9.93 -3.49 -21.54
CA TYR A 147 -9.85 -2.21 -20.86
C TYR A 147 -10.51 -2.35 -19.49
N LYS A 148 -9.84 -1.84 -18.46
CA LYS A 148 -10.53 -1.62 -17.19
C LYS A 148 -11.48 -0.44 -17.33
N SER A 149 -11.01 0.65 -17.91
CA SER A 149 -11.81 1.82 -18.23
C SER A 149 -11.32 2.37 -19.56
N ALA A 150 -12.01 3.39 -20.07
CA ALA A 150 -11.69 3.90 -21.40
C ALA A 150 -10.23 4.29 -21.55
N LYS A 151 -9.63 4.82 -20.48
CA LYS A 151 -8.25 5.31 -20.52
C LYS A 151 -7.25 4.41 -19.82
N VAL A 152 -7.67 3.25 -19.33
CA VAL A 152 -6.81 2.38 -18.53
C VAL A 152 -6.91 0.97 -19.09
N LYS A 153 -5.97 0.61 -19.97
CA LYS A 153 -5.87 -0.77 -20.42
C LYS A 153 -5.32 -1.66 -19.31
N ARG A 154 -5.55 -2.96 -19.46
CA ARG A 154 -5.00 -3.96 -18.56
C ARG A 154 -3.91 -4.76 -19.27
N TYR A 155 -2.85 -5.07 -18.53
CA TYR A 155 -1.68 -5.70 -19.11
C TYR A 155 -1.90 -7.20 -19.33
N ASP A 156 -1.24 -7.73 -20.36
CA ASP A 156 -1.17 -9.17 -20.58
C ASP A 156 0.08 -9.68 -19.90
N LEU A 157 -0.07 -10.10 -18.64
CA LEU A 157 1.07 -10.57 -17.86
C LEU A 157 1.63 -11.90 -18.35
N SER A 158 0.89 -12.62 -19.21
CA SER A 158 1.39 -13.85 -19.81
C SER A 158 2.20 -13.59 -21.08
N ASN A 159 2.48 -12.34 -21.40
CA ASN A 159 3.29 -11.98 -22.56
C ASN A 159 4.68 -11.59 -22.09
N PRO A 160 5.69 -12.46 -22.23
CA PRO A 160 7.00 -12.14 -21.65
C PRO A 160 7.66 -10.90 -22.25
N ALA A 161 7.33 -10.56 -23.51
CA ALA A 161 7.89 -9.35 -24.09
C ALA A 161 7.39 -8.11 -23.35
N PHE A 162 6.10 -8.08 -23.03
CA PHE A 162 5.59 -6.99 -22.19
C PHE A 162 6.30 -6.99 -20.84
N ARG A 163 6.37 -8.14 -20.19
CA ARG A 163 6.96 -8.21 -18.85
C ARG A 163 8.38 -7.63 -18.84
N LYS A 164 9.17 -7.97 -19.86
CA LYS A 164 10.53 -7.42 -19.93
C LYS A 164 10.50 -5.89 -19.97
N TRP A 165 9.57 -5.32 -20.73
CA TRP A 165 9.45 -3.86 -20.76
C TRP A 165 8.97 -3.33 -19.42
N TRP A 166 7.97 -3.99 -18.82
CA TRP A 166 7.47 -3.55 -17.52
C TRP A 166 8.57 -3.52 -16.49
N VAL A 167 9.42 -4.55 -16.47
CA VAL A 167 10.51 -4.61 -15.49
C VAL A 167 11.52 -3.51 -15.75
N SER A 168 11.81 -3.23 -17.02
CA SER A 168 12.78 -2.19 -17.36
C SER A 168 12.37 -0.85 -16.76
N ILE A 169 11.07 -0.55 -16.72
CA ILE A 169 10.61 0.70 -16.13
C ILE A 169 10.94 0.73 -14.64
N ALA A 170 10.60 -0.35 -13.93
CA ALA A 170 10.92 -0.43 -12.51
C ALA A 170 12.43 -0.44 -12.30
N LYS A 171 13.16 -1.13 -13.16
CA LYS A 171 14.61 -1.20 -13.02
C LYS A 171 15.24 0.17 -13.17
N LYS A 172 14.78 0.96 -14.15
CA LYS A 172 15.34 2.29 -14.34
C LYS A 172 15.07 3.19 -13.14
N ALA A 173 13.87 3.08 -12.56
CA ALA A 173 13.52 3.92 -11.43
C ALA A 173 14.32 3.56 -10.18
N VAL A 174 14.67 2.30 -10.01
CA VAL A 174 15.22 1.80 -8.76
C VAL A 174 16.72 1.58 -8.85
N VAL A 175 17.19 0.93 -9.91
CA VAL A 175 18.63 0.68 -10.06
C VAL A 175 19.33 1.91 -10.62
N ASP A 176 18.75 2.53 -11.64
CA ASP A 176 19.30 3.71 -12.28
C ASP A 176 18.53 4.97 -11.90
N GLY A 177 18.00 5.00 -10.67
CA GLY A 177 17.25 6.13 -10.16
C GLY A 177 17.35 6.15 -8.65
N HIS A 178 16.68 7.12 -8.05
CA HIS A 178 16.81 7.38 -6.62
C HIS A 178 15.79 6.62 -5.78
N ALA A 179 14.93 5.81 -6.39
CA ALA A 179 14.00 5.01 -5.63
C ALA A 179 14.72 3.83 -4.97
N ASP A 180 14.24 3.44 -3.80
CA ASP A 180 14.79 2.31 -3.06
C ASP A 180 14.03 1.01 -3.33
N GLY A 181 12.92 1.06 -4.05
CA GLY A 181 12.16 -0.13 -4.32
C GLY A 181 10.97 0.20 -5.20
N VAL A 182 10.17 -0.83 -5.46
CA VAL A 182 9.00 -0.72 -6.32
C VAL A 182 7.78 -1.23 -5.56
N PHE A 183 6.67 -0.53 -5.72
CA PHE A 183 5.38 -0.96 -5.19
C PHE A 183 4.58 -1.55 -6.35
N MET A 184 4.40 -2.87 -6.33
CA MET A 184 3.64 -3.57 -7.37
C MET A 184 2.19 -3.68 -6.91
N ASP A 185 1.31 -2.92 -7.56
CA ASP A 185 -0.10 -2.86 -7.20
C ASP A 185 -0.94 -3.75 -8.10
N ALA A 186 -2.15 -4.04 -7.63
CA ALA A 186 -3.23 -4.58 -8.45
C ALA A 186 -3.19 -6.11 -8.55
N PHE A 187 -2.44 -6.78 -7.69
CA PHE A 187 -2.47 -8.24 -7.69
C PHE A 187 -3.90 -8.74 -7.49
N ILE A 188 -4.67 -8.08 -6.64
CA ILE A 188 -6.03 -8.51 -6.35
C ILE A 188 -6.88 -8.49 -7.64
N GLN A 189 -6.63 -7.51 -8.50
CA GLN A 189 -7.40 -7.42 -9.74
C GLN A 189 -6.96 -8.47 -10.75
N VAL A 190 -5.69 -8.88 -10.72
CA VAL A 190 -5.22 -9.93 -11.63
C VAL A 190 -5.91 -11.24 -11.33
N ILE A 191 -5.97 -11.63 -10.05
CA ILE A 191 -6.45 -12.94 -9.67
C ILE A 191 -7.98 -13.03 -9.68
N ASN A 192 -8.68 -11.90 -9.70
CA ASN A 192 -10.13 -11.88 -9.72
C ASN A 192 -10.68 -12.91 -10.70
N LYS A 193 -11.41 -13.89 -10.19
CA LYS A 193 -11.88 -14.99 -11.03
C LYS A 193 -12.89 -14.52 -12.07
N GLY A 194 -13.51 -13.35 -11.88
CA GLY A 194 -14.31 -12.78 -12.94
C GLY A 194 -13.56 -12.63 -14.25
N ASN A 195 -12.23 -12.57 -14.20
CA ASN A 195 -11.44 -12.45 -15.42
C ASN A 195 -11.54 -13.70 -16.29
N ILE A 196 -11.82 -14.86 -15.69
CA ILE A 196 -11.93 -16.09 -16.47
C ILE A 196 -12.99 -15.92 -17.56
N GLU A 197 -14.12 -15.31 -17.22
CA GLU A 197 -15.19 -15.11 -18.21
C GLU A 197 -14.70 -14.28 -19.39
N LEU A 198 -13.77 -13.35 -19.15
CA LEU A 198 -13.27 -12.48 -20.21
C LEU A 198 -12.13 -13.10 -20.98
N TRP A 199 -11.30 -13.93 -20.34
CA TRP A 199 -10.09 -14.45 -20.93
C TRP A 199 -10.17 -15.93 -21.30
N GLY A 200 -10.99 -16.71 -20.60
CA GLY A 200 -10.90 -18.14 -20.66
C GLY A 200 -9.93 -18.68 -19.63
N GLN A 201 -10.12 -19.96 -19.27
CA GLN A 201 -9.32 -20.55 -18.20
C GLN A 201 -7.85 -20.60 -18.57
N LYS A 202 -7.53 -21.03 -19.80
CA LYS A 202 -6.14 -21.19 -20.19
C LYS A 202 -5.38 -19.87 -20.08
N LYS A 203 -5.95 -18.79 -20.64
CA LYS A 203 -5.28 -17.50 -20.57
C LYS A 203 -5.24 -16.98 -19.14
N TYR A 204 -6.32 -17.19 -18.37
CA TYR A 204 -6.30 -16.81 -16.97
C TYR A 204 -5.15 -17.47 -16.23
N ASP A 205 -5.02 -18.79 -16.37
CA ASP A 205 -3.94 -19.50 -15.68
C ASP A 205 -2.57 -18.99 -16.11
N ALA A 206 -2.38 -18.76 -17.40
CA ALA A 206 -1.10 -18.24 -17.88
C ALA A 206 -0.81 -16.87 -17.28
N ILE A 207 -1.85 -16.06 -17.09
CA ILE A 207 -1.65 -14.72 -16.55
C ILE A 207 -1.33 -14.79 -15.06
N GLN A 208 -1.94 -15.72 -14.34
CA GLN A 208 -1.59 -15.89 -12.92
C GLN A 208 -0.13 -16.29 -12.77
N GLN A 209 0.32 -17.25 -13.59
CA GLN A 209 1.74 -17.61 -13.58
C GLN A 209 2.60 -16.43 -14.01
N GLY A 210 2.15 -15.68 -15.03
CA GLY A 210 2.92 -14.53 -15.48
C GLY A 210 3.12 -13.50 -14.39
N LEU A 211 2.17 -13.40 -13.46
CA LEU A 211 2.32 -12.48 -12.33
C LEU A 211 3.48 -12.92 -11.45
N LYS A 212 3.51 -14.19 -11.05
CA LYS A 212 4.63 -14.70 -10.26
C LYS A 212 5.95 -14.47 -10.99
N ASP A 213 5.98 -14.72 -12.30
CA ASP A 213 7.20 -14.48 -13.07
C ASP A 213 7.59 -13.01 -13.04
N LEU A 214 6.61 -12.12 -13.19
CA LEU A 214 6.88 -10.68 -13.13
C LEU A 214 7.61 -10.32 -11.84
N ILE A 215 7.16 -10.87 -10.71
CA ILE A 215 7.82 -10.59 -9.43
C ILE A 215 9.25 -11.11 -9.46
N ALA A 216 9.42 -12.38 -9.83
CA ALA A 216 10.75 -12.96 -9.89
C ALA A 216 11.65 -12.16 -10.83
N GLU A 217 11.12 -11.75 -11.98
CA GLU A 217 11.92 -10.98 -12.93
C GLU A 217 12.23 -9.58 -12.39
N THR A 218 11.31 -9.00 -11.61
CA THR A 218 11.59 -7.72 -10.98
C THR A 218 12.70 -7.86 -9.94
N ARG A 219 12.66 -8.92 -9.14
CA ARG A 219 13.72 -9.13 -8.15
C ARG A 219 15.07 -9.30 -8.83
N ALA A 220 15.11 -10.10 -9.90
CA ALA A 220 16.36 -10.28 -10.62
C ALA A 220 16.89 -8.96 -11.17
N ALA A 221 15.99 -8.03 -11.51
CA ALA A 221 16.42 -6.79 -12.13
C ALA A 221 16.96 -5.80 -11.11
N ILE A 222 16.27 -5.64 -9.97
CA ILE A 222 16.65 -4.61 -9.00
C ILE A 222 17.66 -5.12 -7.97
N GLY A 223 17.98 -6.40 -7.98
CA GLY A 223 18.99 -6.91 -7.07
C GLY A 223 18.45 -7.11 -5.66
N GLU A 224 19.39 -7.37 -4.75
CA GLU A 224 19.07 -7.75 -3.38
C GLU A 224 19.09 -6.58 -2.40
N ASP A 225 19.49 -5.39 -2.83
CA ASP A 225 19.54 -4.23 -1.96
C ASP A 225 18.25 -3.42 -1.95
N HIS A 226 17.31 -3.71 -2.84
CA HIS A 226 16.13 -2.89 -3.03
C HIS A 226 14.87 -3.65 -2.65
N LEU A 227 13.81 -2.88 -2.40
CA LEU A 227 12.58 -3.43 -1.83
C LEU A 227 11.53 -3.64 -2.90
N ILE A 228 10.69 -4.65 -2.68
CA ILE A 228 9.49 -4.88 -3.46
C ILE A 228 8.32 -4.89 -2.49
N VAL A 229 7.45 -3.91 -2.62
CA VAL A 229 6.17 -3.88 -1.92
C VAL A 229 5.11 -4.36 -2.89
N TYR A 230 4.14 -5.13 -2.39
CA TYR A 230 3.05 -5.58 -3.22
C TYR A 230 1.75 -5.50 -2.45
N ASN A 231 0.71 -5.28 -3.24
CA ASN A 231 -0.60 -5.09 -2.69
C ASN A 231 -1.42 -6.30 -2.94
N GLY A 232 -1.63 -7.03 -1.85
CA GLY A 232 -2.36 -8.23 -1.94
C GLY A 232 -3.15 -8.68 -0.78
N ILE A 233 -2.85 -8.34 0.46
CA ILE A 233 -3.75 -8.83 1.53
C ILE A 233 -5.12 -8.15 1.45
N ARG A 234 -6.15 -8.94 1.16
CA ARG A 234 -7.51 -8.42 1.06
C ARG A 234 -8.45 -9.46 1.63
N SER A 235 -9.13 -9.13 2.72
CA SER A 235 -10.02 -10.05 3.41
C SER A 235 -11.46 -9.73 3.00
N ILE A 236 -12.04 -10.58 2.17
CA ILE A 236 -13.44 -10.48 1.76
C ILE A 236 -14.07 -11.85 2.00
N PRO A 237 -15.27 -11.92 2.59
CA PRO A 237 -15.86 -13.24 2.90
C PRO A 237 -15.81 -14.18 1.71
N ASN A 238 -15.24 -15.36 1.93
CA ASN A 238 -15.15 -16.44 0.95
C ASN A 238 -14.25 -16.10 -0.23
N ARG A 239 -13.52 -15.00 -0.18
CA ARG A 239 -12.63 -14.60 -1.26
C ARG A 239 -11.36 -13.97 -0.70
N ASN A 240 -10.88 -14.50 0.43
CA ASN A 240 -9.73 -13.91 1.09
C ASN A 240 -8.47 -14.08 0.26
N VAL A 241 -7.64 -13.03 0.26
CA VAL A 241 -6.31 -13.08 -0.32
C VAL A 241 -5.32 -12.71 0.78
N GLY A 242 -4.32 -13.56 0.97
CA GLY A 242 -3.34 -13.35 2.02
C GLY A 242 -1.98 -12.93 1.47
N ASN A 243 -0.93 -13.23 2.22
CA ASN A 243 0.44 -12.96 1.79
C ASN A 243 0.89 -14.10 0.88
N ASP A 244 0.33 -14.10 -0.33
CA ASP A 244 0.42 -15.22 -1.25
C ASP A 244 1.56 -15.10 -2.25
N PHE A 245 2.39 -14.07 -2.15
CA PHE A 245 3.58 -13.92 -2.99
C PHE A 245 4.78 -13.55 -2.12
N PRO A 246 5.17 -14.43 -1.19
CA PRO A 246 6.20 -14.07 -0.21
C PRO A 246 7.64 -14.18 -0.70
N GLU A 247 7.90 -15.07 -1.65
CA GLU A 247 9.28 -15.48 -1.93
C GLU A 247 10.20 -14.28 -2.16
N HIS A 248 9.89 -13.46 -3.16
CA HIS A 248 10.79 -12.40 -3.60
C HIS A 248 10.40 -11.02 -3.09
N THR A 249 9.36 -10.92 -2.25
CA THR A 249 8.84 -9.64 -1.81
C THR A 249 9.24 -9.37 -0.37
N ASP A 250 9.25 -8.09 -0.02
CA ASP A 250 9.65 -7.63 1.31
C ASP A 250 8.51 -7.03 2.12
N ALA A 251 7.50 -6.48 1.45
CA ALA A 251 6.44 -5.76 2.14
C ALA A 251 5.10 -6.09 1.48
N VAL A 252 4.08 -6.28 2.31
CA VAL A 252 2.73 -6.59 1.85
C VAL A 252 1.78 -5.54 2.42
N MET A 253 0.85 -5.08 1.58
N MET A 253 0.82 -5.13 1.59
CA MET A 253 -0.07 -4.03 1.96
CA MET A 253 -0.10 -4.06 1.92
C MET A 253 -1.43 -4.61 2.36
C MET A 253 -1.44 -4.64 2.36
N ILE A 254 -2.00 -4.06 3.42
CA ILE A 254 -3.39 -4.32 3.81
C ILE A 254 -4.16 -3.04 3.51
N GLU A 255 -4.77 -2.95 2.33
CA GLU A 255 -5.25 -1.66 1.84
C GLU A 255 -6.59 -1.25 2.44
N HIS A 256 -7.45 -2.21 2.79
CA HIS A 256 -8.86 -1.95 3.02
C HIS A 256 -9.30 -2.33 4.43
N PHE A 257 -8.50 -2.04 5.45
CA PHE A 257 -8.91 -2.45 6.79
C PHE A 257 -10.20 -1.76 7.18
N ALA A 258 -11.19 -2.57 7.58
CA ALA A 258 -12.46 -2.05 8.12
C ALA A 258 -13.13 -1.09 7.16
N ASN A 259 -13.01 -1.33 5.86
CA ASN A 259 -13.62 -0.46 4.87
C ASN A 259 -13.90 -1.24 3.60
N PHE A 260 -14.71 -0.64 2.74
CA PHE A 260 -15.03 -1.19 1.42
C PHE A 260 -15.66 -2.56 1.63
N GLN A 261 -15.15 -3.63 1.02
CA GLN A 261 -15.72 -4.95 1.16
C GLN A 261 -15.13 -5.73 2.33
N SER A 262 -14.35 -5.07 3.19
CA SER A 262 -13.66 -5.72 4.29
C SER A 262 -14.13 -5.20 5.64
N LYS A 263 -15.43 -4.85 5.74
CA LYS A 263 -15.97 -4.25 6.95
C LYS A 263 -16.44 -5.27 7.98
N SER A 264 -16.73 -6.51 7.56
CA SER A 264 -17.24 -7.50 8.50
C SER A 264 -16.20 -7.78 9.59
N LYS A 265 -16.69 -8.20 10.76
CA LYS A 265 -15.77 -8.57 11.82
C LYS A 265 -14.92 -9.77 11.41
N GLU A 266 -15.46 -10.64 10.56
CA GLU A 266 -14.67 -11.74 10.03
C GLU A 266 -13.49 -11.23 9.22
N SER A 267 -13.73 -10.21 8.36
CA SER A 267 -12.68 -9.70 7.51
C SER A 267 -11.67 -8.86 8.30
N MET A 268 -12.15 -8.11 9.30
CA MET A 268 -11.24 -7.32 10.12
C MET A 268 -10.32 -8.23 10.93
N LEU A 269 -10.87 -9.29 11.52
CA LEU A 269 -10.02 -10.24 12.23
C LEU A 269 -9.00 -10.87 11.29
N GLN A 270 -9.44 -11.27 10.10
CA GLN A 270 -8.52 -11.89 9.15
C GLN A 270 -7.40 -10.93 8.77
N ASP A 271 -7.74 -9.65 8.51
CA ASP A 271 -6.72 -8.67 8.18
C ASP A 271 -5.68 -8.56 9.28
N ILE A 272 -6.12 -8.51 10.54
CA ILE A 272 -5.18 -8.38 11.64
C ILE A 272 -4.33 -9.64 11.77
N LEU A 273 -4.95 -10.81 11.66
CA LEU A 273 -4.18 -12.05 11.73
C LEU A 273 -3.18 -12.14 10.59
N GLU A 274 -3.53 -11.63 9.41
CA GLU A 274 -2.60 -11.70 8.29
C GLU A 274 -1.43 -10.77 8.48
N MET A 275 -1.64 -9.61 9.12
CA MET A 275 -0.51 -8.75 9.46
C MET A 275 0.41 -9.45 10.47
N GLU A 276 -0.16 -9.98 11.54
CA GLU A 276 0.63 -10.71 12.52
C GLU A 276 1.40 -11.84 11.86
N LYS A 277 0.70 -12.64 11.05
CA LYS A 277 1.34 -13.78 10.39
C LYS A 277 2.45 -13.31 9.47
N ALA A 278 2.19 -12.29 8.65
CA ALA A 278 3.20 -11.81 7.72
C ALA A 278 4.38 -11.18 8.46
N GLY A 279 4.10 -10.36 9.47
CA GLY A 279 5.17 -9.75 10.22
C GLY A 279 6.08 -10.78 10.88
N LYS A 280 5.49 -11.89 11.33
CA LYS A 280 6.28 -12.94 11.98
C LYS A 280 7.22 -13.64 11.01
N THR A 281 6.92 -13.63 9.71
CA THR A 281 7.84 -14.16 8.71
C THR A 281 8.95 -13.19 8.37
N GLY A 282 8.94 -11.98 8.94
CA GLY A 282 9.94 -10.97 8.65
C GLY A 282 9.53 -9.94 7.62
N LYS A 283 8.30 -10.01 7.11
CA LYS A 283 7.83 -9.04 6.13
C LYS A 283 7.57 -7.69 6.79
N ILE A 284 7.75 -6.63 5.98
CA ILE A 284 7.12 -5.37 6.29
C ILE A 284 5.63 -5.49 6.00
N VAL A 285 4.81 -4.94 6.89
CA VAL A 285 3.37 -4.88 6.67
C VAL A 285 2.95 -3.42 6.71
N VAL A 286 2.17 -3.00 5.73
CA VAL A 286 1.60 -1.67 5.66
C VAL A 286 0.11 -1.80 5.93
N PHE A 287 -0.33 -1.26 7.06
CA PHE A 287 -1.69 -1.40 7.55
C PHE A 287 -2.43 -0.10 7.23
N LYS A 288 -3.19 -0.10 6.14
CA LYS A 288 -3.85 1.09 5.64
C LYS A 288 -5.24 1.19 6.28
N ALA A 289 -5.43 2.21 7.11
CA ALA A 289 -6.67 2.41 7.85
C ALA A 289 -7.40 3.64 7.33
N TRP A 290 -8.66 3.76 7.74
CA TRP A 290 -9.57 4.77 7.21
C TRP A 290 -10.39 5.37 8.35
N PRO A 291 -10.79 6.63 8.24
CA PRO A 291 -11.60 7.24 9.30
C PRO A 291 -13.07 6.85 9.21
N ASN A 292 -13.46 5.83 9.98
CA ASN A 292 -14.85 5.38 10.07
C ASN A 292 -15.47 5.18 8.68
N GLU A 293 -14.76 4.44 7.84
CA GLU A 293 -15.21 4.04 6.51
C GLU A 293 -15.31 5.21 5.53
N HIS A 294 -14.87 6.40 5.92
CA HIS A 294 -14.84 7.53 5.01
C HIS A 294 -13.60 7.47 4.12
N SER A 295 -13.76 7.97 2.89
CA SER A 295 -12.67 7.94 1.92
C SER A 295 -12.98 8.97 0.83
N TRP A 296 -12.06 9.06 -0.13
CA TRP A 296 -12.21 10.05 -1.20
C TRP A 296 -13.41 9.76 -2.10
N ILE A 297 -13.91 8.52 -2.11
CA ILE A 297 -15.10 8.21 -2.89
C ILE A 297 -16.38 8.49 -2.11
N ASP A 298 -16.29 8.81 -0.83
CA ASP A 298 -17.44 9.17 0.00
C ASP A 298 -17.66 10.67 -0.15
N LYS A 299 -18.56 11.05 -1.07
CA LYS A 299 -18.71 12.47 -1.40
C LYS A 299 -19.37 13.25 -0.27
N ASN A 300 -20.26 12.62 0.49
CA ASN A 300 -20.81 13.31 1.68
C ASN A 300 -19.69 13.72 2.62
N PHE A 301 -18.69 12.85 2.81
CA PHE A 301 -17.55 13.20 3.65
C PHE A 301 -16.66 14.23 2.96
N MET A 302 -16.37 14.02 1.68
CA MET A 302 -15.47 14.93 0.97
C MET A 302 -16.07 16.31 0.79
N ALA A 303 -17.38 16.45 0.89
CA ALA A 303 -18.03 17.75 0.77
C ALA A 303 -17.95 18.58 2.04
N LYS A 304 -17.56 17.97 3.17
CA LYS A 304 -17.50 18.73 4.41
C LYS A 304 -16.26 19.61 4.45
N PRO A 305 -16.31 20.72 5.18
CA PRO A 305 -15.10 21.54 5.34
C PRO A 305 -13.98 20.75 5.97
N LEU A 306 -12.75 21.20 5.72
CA LEU A 306 -11.58 20.48 6.21
C LEU A 306 -11.61 20.34 7.74
N GLN A 307 -11.97 21.43 8.43
CA GLN A 307 -12.03 21.37 9.89
C GLN A 307 -12.96 20.27 10.36
N GLU A 308 -14.02 19.97 9.60
CA GLU A 308 -14.95 18.93 9.98
C GLU A 308 -14.42 17.54 9.61
N LYS A 309 -13.80 17.41 8.43
CA LYS A 309 -13.13 16.17 8.08
C LYS A 309 -12.07 15.82 9.12
N ARG A 310 -11.40 16.84 9.65
CA ARG A 310 -10.32 16.63 10.61
C ARG A 310 -10.85 16.32 12.00
N LYS A 311 -12.02 16.83 12.36
CA LYS A 311 -12.64 16.44 13.62
C LYS A 311 -13.12 15.00 13.56
N ILE A 312 -13.60 14.56 12.39
CA ILE A 312 -14.05 13.18 12.24
C ILE A 312 -12.87 12.22 12.29
N ALA A 313 -11.81 12.54 11.55
CA ALA A 313 -10.64 11.67 11.55
C ALA A 313 -10.03 11.55 12.94
N ARG A 314 -9.90 12.69 13.64
CA ARG A 314 -9.33 12.67 14.99
C ARG A 314 -10.19 11.83 15.93
N ALA A 315 -11.50 11.86 15.74
CA ALA A 315 -12.42 11.17 16.65
C ALA A 315 -12.50 9.67 16.40
N ASN A 316 -12.03 9.19 15.24
CA ASN A 316 -12.24 7.82 14.82
C ASN A 316 -10.93 7.05 14.61
N ILE A 317 -9.81 7.59 15.13
CA ILE A 317 -8.53 6.91 14.95
C ILE A 317 -8.35 5.75 15.94
N THR A 318 -9.08 5.76 17.07
CA THR A 318 -8.80 4.80 18.12
C THR A 318 -9.01 3.36 17.66
N PHE A 319 -10.16 3.07 17.05
CA PHE A 319 -10.43 1.70 16.65
C PHE A 319 -9.41 1.17 15.66
N PRO A 320 -9.18 1.81 14.51
CA PRO A 320 -8.16 1.28 13.58
C PRO A 320 -6.77 1.26 14.17
N LEU A 321 -6.41 2.25 15.00
CA LEU A 321 -5.09 2.23 15.62
C LEU A 321 -4.95 1.08 16.60
N ALA A 322 -6.00 0.82 17.40
CA ALA A 322 -5.96 -0.32 18.31
C ALA A 322 -5.89 -1.62 17.55
N ALA A 323 -6.65 -1.73 16.45
CA ALA A 323 -6.56 -2.91 15.60
C ALA A 323 -5.15 -3.11 15.09
N PHE A 324 -4.53 -2.04 14.56
CA PHE A 324 -3.15 -2.12 14.13
C PHE A 324 -2.25 -2.61 15.26
N LEU A 325 -2.31 -1.92 16.41
CA LEU A 325 -1.43 -2.26 17.51
C LEU A 325 -1.69 -3.66 18.05
N ALA A 326 -2.92 -4.14 17.94
CA ALA A 326 -3.25 -5.47 18.45
C ALA A 326 -2.38 -6.53 17.78
N GLY A 327 -2.20 -6.44 16.46
CA GLY A 327 -1.47 -7.45 15.73
C GLY A 327 -0.16 -6.97 15.15
N ALA A 328 0.19 -5.71 15.40
CA ALA A 328 1.41 -5.15 14.83
C ALA A 328 2.62 -5.99 15.23
N GLN A 329 3.55 -6.14 14.28
CA GLN A 329 4.81 -6.81 14.50
C GLN A 329 5.93 -5.85 14.13
N GLU A 330 7.17 -6.28 14.35
CA GLU A 330 8.30 -5.50 13.87
C GLU A 330 8.17 -5.27 12.37
N ASN A 331 8.44 -4.04 11.94
CA ASN A 331 8.33 -3.62 10.55
C ASN A 331 6.87 -3.49 10.09
N SER A 332 5.92 -3.43 11.01
CA SER A 332 4.54 -3.12 10.68
C SER A 332 4.31 -1.61 10.75
N TYR A 333 3.55 -1.08 9.79
CA TYR A 333 3.40 0.36 9.65
C TYR A 333 1.94 0.75 9.51
N PHE A 334 1.58 1.85 10.17
CA PHE A 334 0.22 2.36 10.25
C PHE A 334 0.09 3.56 9.33
N ILE A 335 -0.94 3.54 8.47
CA ILE A 335 -1.28 4.67 7.62
C ILE A 335 -2.75 4.98 7.85
N TYR A 336 -3.05 6.21 8.25
CA TYR A 336 -4.40 6.63 8.60
C TYR A 336 -4.71 7.93 7.86
N ASN A 337 -5.63 7.84 6.91
CA ASN A 337 -6.05 8.98 6.10
C ASN A 337 -7.26 8.52 5.29
N TRP A 338 -7.75 9.37 4.39
CA TRP A 338 -8.94 9.05 3.60
C TRP A 338 -8.66 9.03 2.10
N GLY A 339 -7.41 8.82 1.69
CA GLY A 339 -7.12 8.72 0.27
C GLY A 339 -5.64 8.65 0.01
N TYR A 340 -5.32 8.59 -1.29
CA TYR A 340 -3.95 8.44 -1.75
C TYR A 340 -3.39 9.71 -2.39
N ARG A 341 -4.16 10.79 -2.42
CA ARG A 341 -3.58 12.10 -2.67
C ARG A 341 -2.96 12.62 -1.39
N MET A 342 -1.86 13.37 -1.53
CA MET A 342 -1.24 13.98 -0.35
C MET A 342 -2.26 14.71 0.50
N ASP A 343 -3.18 15.42 -0.14
CA ASP A 343 -4.15 16.25 0.57
C ASP A 343 -5.35 15.46 1.09
N ASP A 344 -5.40 14.15 0.86
CA ASP A 344 -6.50 13.34 1.40
C ASP A 344 -6.25 13.03 2.87
N GLY A 345 -5.92 14.05 3.66
CA GLY A 345 -5.53 13.82 5.03
C GLY A 345 -4.16 13.19 5.21
N GLY A 346 -3.35 13.14 4.15
CA GLY A 346 -2.07 12.47 4.24
C GLY A 346 -1.09 13.15 5.18
N LEU A 347 -1.16 14.47 5.29
CA LEU A 347 -0.25 15.22 6.14
C LEU A 347 -0.90 15.67 7.45
N GLU A 348 -2.04 15.10 7.80
CA GLU A 348 -2.64 15.33 9.10
C GLU A 348 -1.91 14.52 10.16
N TRP A 349 -1.83 15.06 11.37
CA TRP A 349 -1.23 14.36 12.49
C TRP A 349 -2.22 14.27 13.65
N TYR A 350 -1.90 13.40 14.59
CA TYR A 350 -2.80 13.02 15.66
C TYR A 350 -1.99 12.80 16.92
N PRO A 351 -2.50 13.21 18.09
CA PRO A 351 -1.70 13.06 19.31
C PRO A 351 -1.38 11.61 19.64
N GLU A 352 -2.26 10.68 19.25
CA GLU A 352 -2.00 9.27 19.51
C GLU A 352 -0.69 8.81 18.89
N LEU A 353 -0.30 9.40 17.76
CA LEU A 353 0.92 9.01 17.07
C LEU A 353 2.17 9.67 17.64
N ASP A 354 2.03 10.52 18.66
CA ASP A 354 3.16 11.10 19.36
C ASP A 354 3.40 10.45 20.73
N LYS A 355 2.46 9.66 21.22
CA LYS A 355 2.57 9.10 22.55
C LYS A 355 3.58 7.95 22.57
N SER A 356 4.23 7.79 23.71
CA SER A 356 5.23 6.73 23.86
C SER A 356 4.55 5.37 23.86
N LEU A 357 5.04 4.47 23.00
CA LEU A 357 4.47 3.14 22.85
C LEU A 357 5.37 2.07 23.45
N GLY A 358 6.58 1.91 22.92
CA GLY A 358 7.50 0.90 23.40
C GLY A 358 7.27 -0.45 22.75
N LYS A 359 8.16 -1.38 23.08
CA LYS A 359 8.12 -2.69 22.45
C LYS A 359 6.91 -3.49 22.95
N PRO A 360 6.38 -4.39 22.11
CA PRO A 360 5.34 -5.31 22.62
C PRO A 360 5.88 -6.17 23.73
N LEU A 361 5.01 -6.44 24.72
CA LEU A 361 5.39 -7.30 25.84
C LEU A 361 4.86 -8.72 25.69
N ASN A 362 3.82 -8.94 24.90
CA ASN A 362 3.24 -10.26 24.71
C ASN A 362 2.82 -10.41 23.26
N GLU A 363 2.22 -11.55 22.95
CA GLU A 363 1.61 -11.79 21.66
C GLU A 363 0.15 -11.33 21.69
N MET A 364 -0.40 -11.10 20.50
CA MET A 364 -1.81 -10.73 20.42
C MET A 364 -2.66 -11.83 21.04
N LYS A 365 -3.63 -11.44 21.85
CA LYS A 365 -4.56 -12.36 22.48
C LYS A 365 -5.92 -12.22 21.82
N VAL A 366 -6.62 -13.33 21.67
CA VAL A 366 -7.91 -13.38 21.01
C VAL A 366 -8.91 -14.03 21.96
N HIS A 367 -9.91 -13.28 22.38
CA HIS A 367 -11.02 -13.78 23.18
C HIS A 367 -12.28 -13.52 22.38
N ASN A 368 -12.60 -14.43 21.47
CA ASN A 368 -13.70 -14.29 20.53
C ASN A 368 -13.45 -13.01 19.73
N TRP A 369 -14.34 -12.02 19.75
CA TRP A 369 -14.16 -10.83 18.93
C TRP A 369 -13.35 -9.75 19.62
N GLU A 370 -12.84 -10.00 20.82
CA GLU A 370 -12.01 -9.04 21.54
C GLU A 370 -10.55 -9.37 21.33
N LEU A 371 -9.76 -8.36 20.96
CA LEU A 371 -8.33 -8.48 20.74
C LEU A 371 -7.60 -7.60 21.74
N THR A 372 -6.49 -8.10 22.28
CA THR A 372 -5.70 -7.35 23.24
C THR A 372 -4.22 -7.53 22.96
N ARG A 373 -3.44 -6.52 23.33
CA ARG A 373 -1.99 -6.55 23.17
C ARG A 373 -1.39 -5.59 24.19
N ASN A 374 -0.22 -5.95 24.70
CA ASN A 374 0.46 -5.17 25.73
C ASN A 374 1.77 -4.64 25.19
N TYR A 375 2.01 -3.35 25.38
CA TYR A 375 3.27 -2.71 25.05
C TYR A 375 3.87 -2.10 26.31
N GLU A 376 5.18 -1.83 26.27
CA GLU A 376 5.86 -1.29 27.44
C GLU A 376 5.10 -0.12 28.05
N HIS A 377 4.55 0.76 27.22
CA HIS A 377 3.88 1.96 27.68
C HIS A 377 2.44 2.06 27.18
N ALA A 378 1.83 0.93 26.79
CA ALA A 378 0.45 0.98 26.33
C ALA A 378 -0.16 -0.41 26.41
N SER A 379 -1.45 -0.45 26.76
CA SER A 379 -2.25 -1.66 26.71
C SER A 379 -3.39 -1.42 25.72
N VAL A 380 -3.58 -2.37 24.81
CA VAL A 380 -4.52 -2.21 23.70
C VAL A 380 -5.69 -3.16 23.90
N TRP A 381 -6.89 -2.68 23.61
CA TRP A 381 -8.10 -3.49 23.66
C TRP A 381 -9.07 -3.00 22.61
N LEU A 382 -9.73 -3.94 21.92
CA LEU A 382 -10.79 -3.59 20.98
C LEU A 382 -11.73 -4.77 20.82
N ASN A 383 -12.96 -4.47 20.40
CA ASN A 383 -13.99 -5.47 20.15
C ASN A 383 -14.41 -5.31 18.69
N LEU A 384 -14.10 -6.31 17.87
CA LEU A 384 -14.38 -6.21 16.44
C LEU A 384 -15.89 -6.20 16.16
N ALA A 385 -16.68 -6.78 17.05
CA ALA A 385 -18.12 -6.88 16.81
C ALA A 385 -18.82 -5.55 17.08
N THR A 386 -18.37 -4.80 18.08
CA THR A 386 -18.95 -3.51 18.42
C THR A 386 -18.15 -2.33 17.85
N LYS A 387 -16.96 -2.58 17.30
CA LYS A 387 -16.08 -1.55 16.77
C LYS A 387 -15.69 -0.53 17.83
N GLU A 388 -15.78 -0.87 19.11
CA GLU A 388 -15.31 -0.03 20.20
C GLU A 388 -13.91 -0.46 20.60
N ALA A 389 -13.14 0.49 21.13
CA ALA A 389 -11.72 0.24 21.36
C ALA A 389 -11.22 1.18 22.45
N LYS A 390 -10.12 0.76 23.09
CA LYS A 390 -9.53 1.52 24.19
C LYS A 390 -8.04 1.29 24.20
N ILE A 391 -7.27 2.37 24.14
CA ILE A 391 -5.81 2.33 24.30
C ILE A 391 -5.47 3.02 25.61
N ASN A 392 -4.93 2.27 26.56
CA ASN A 392 -4.51 2.81 27.85
C ASN A 392 -3.03 3.13 27.76
N TRP A 393 -2.72 4.40 27.54
CA TRP A 393 -1.32 4.84 27.48
C TRP A 393 -0.77 4.97 28.90
N LYS A 394 0.43 4.43 29.11
CA LYS A 394 1.07 4.48 30.42
C LYS A 394 2.04 5.65 30.51
#